data_9ILE
#
_entry.id   9ILE
#
_cell.length_a   34.852
_cell.length_b   50.44
_cell.length_c   60.62
_cell.angle_alpha   90
_cell.angle_beta   99.866
_cell.angle_gamma   90
#
_symmetry.space_group_name_H-M   'P 1 21 1'
#
loop_
_entity.id
_entity.type
_entity.pdbx_description
1 polymer beta-lactamase
2 non-polymer (2S,5R)-1-formyl-N-(piperidin-4-yl)-5-[(sulfooxy)amino]piperidine-2-carboxamide
3 non-polymer DI(HYDROXYETHYL)ETHER
4 non-polymer 'TETRAETHYLENE GLYCOL'
5 non-polymer 1,2-ETHANEDIOL
6 non-polymer 'CHLORIDE ION'
7 water water
#
_entity_poly.entity_id   1
_entity_poly.type   'polypeptide(L)'
_entity_poly.pdbx_seq_one_letter_code
;MGNKSDAAAKQIKKLEEDFDGRIGVFAIDTGSGNTFGYRSDERFPLCSSFKGFLAAAVLERVQQKKLDINQKVKYESRDL
EYHSPITTKYKGSGMTLGDMASAALQYSDNGATNIIMERFLGGPEGMTKFMRSIGDNEFRLDRWELELNTAIPGDKRDTS
TPKAVANSLNKLALGNVLNAKVKAIYQNWLKGNTTGDARIRASVPADWVVGDKTGSCGAYGTANDYAVIWPKNRAPLIVS
IYTTRKSKDDKHSDKTIAEASRIAIQAIDHHHHHH
;
_entity_poly.pdbx_strand_id   A
#
# COMPACT_ATOMS: atom_id res chain seq x y z
N ASN A 3 -25.89 -13.48 3.06
CA ASN A 3 -25.61 -14.94 3.23
C ASN A 3 -24.09 -15.21 3.21
N LYS A 4 -23.41 -14.87 2.11
CA LYS A 4 -21.96 -14.97 2.02
C LYS A 4 -21.30 -13.80 2.81
N SER A 5 -21.76 -12.57 2.56
CA SER A 5 -21.39 -11.40 3.35
C SER A 5 -21.44 -11.69 4.87
N ASP A 6 -22.59 -12.20 5.32
CA ASP A 6 -22.78 -12.62 6.70
C ASP A 6 -21.75 -13.68 7.09
N ALA A 7 -21.58 -14.75 6.30
CA ALA A 7 -20.57 -15.74 6.68
C ALA A 7 -19.14 -15.13 6.71
N ALA A 8 -18.80 -14.29 5.72
CA ALA A 8 -17.48 -13.64 5.68
C ALA A 8 -17.19 -12.81 6.94
N ALA A 9 -18.19 -12.11 7.48
CA ALA A 9 -17.95 -11.26 8.65
C ALA A 9 -17.86 -12.10 9.94
N LYS A 10 -18.52 -13.25 9.97
CA LYS A 10 -18.37 -14.15 11.11
C LYS A 10 -16.94 -14.72 11.15
N GLN A 11 -16.44 -15.12 9.98
CA GLN A 11 -15.09 -15.64 9.85
C GLN A 11 -14.03 -14.56 10.16
N ILE A 12 -14.25 -13.34 9.74
CA ILE A 12 -13.31 -12.24 10.04
C ILE A 12 -13.27 -12.00 11.57
N LYS A 13 -14.44 -11.91 12.21
CA LYS A 13 -14.47 -11.45 13.58
C LYS A 13 -13.91 -12.58 14.46
N LYS A 14 -13.90 -13.79 13.90
CA LYS A 14 -13.38 -14.95 14.59
C LYS A 14 -11.88 -15.00 14.34
N LEU A 15 -11.45 -14.50 13.19
CA LEU A 15 -10.04 -14.31 12.88
C LEU A 15 -9.38 -13.25 13.78
N GLU A 16 -10.08 -12.14 14.04
CA GLU A 16 -9.53 -11.12 14.89
C GLU A 16 -9.53 -11.56 16.36
N GLU A 17 -10.51 -12.39 16.75
CA GLU A 17 -10.54 -12.98 18.08
C GLU A 17 -9.36 -13.94 18.24
N ASP A 18 -9.09 -14.73 17.18
CA ASP A 18 -8.07 -15.75 17.18
C ASP A 18 -6.68 -15.13 17.41
N PHE A 19 -6.47 -13.92 16.89
CA PHE A 19 -5.12 -13.38 17.00
C PHE A 19 -5.14 -12.18 17.94
N ASP A 20 -6.29 -11.95 18.56
CA ASP A 20 -6.35 -10.94 19.58
C ASP A 20 -5.94 -9.57 19.04
N GLY A 21 -6.56 -9.12 17.94
CA GLY A 21 -6.44 -7.74 17.54
C GLY A 21 -7.58 -7.40 16.58
N ARG A 22 -7.27 -6.60 15.57
CA ARG A 22 -8.27 -5.89 14.80
C ARG A 22 -7.91 -5.95 13.32
N ILE A 23 -8.89 -6.37 12.52
CA ILE A 23 -8.77 -6.57 11.08
C ILE A 23 -9.75 -5.63 10.42
N GLY A 24 -9.26 -4.87 9.46
CA GLY A 24 -10.01 -4.00 8.59
C GLY A 24 -9.85 -4.46 7.16
N VAL A 25 -10.98 -4.56 6.45
CA VAL A 25 -11.04 -5.07 5.09
C VAL A 25 -12.00 -4.15 4.34
N PHE A 26 -11.62 -3.86 3.09
CA PHE A 26 -12.56 -3.54 2.04
C PHE A 26 -12.12 -4.26 0.78
N ALA A 27 -13.08 -4.76 0.03
CA ALA A 27 -12.72 -5.52 -1.15
C ALA A 27 -13.82 -5.23 -2.13
N ILE A 28 -13.43 -5.03 -3.38
CA ILE A 28 -14.34 -4.56 -4.41
C ILE A 28 -14.15 -5.45 -5.62
N ASP A 29 -15.27 -5.87 -6.23
CA ASP A 29 -15.25 -6.32 -7.60
C ASP A 29 -15.56 -5.14 -8.53
N THR A 30 -14.60 -4.82 -9.41
CA THR A 30 -14.79 -3.73 -10.37
C THR A 30 -15.63 -4.24 -11.54
N GLY A 31 -16.06 -5.50 -11.51
CA GLY A 31 -16.84 -6.07 -12.60
C GLY A 31 -18.33 -6.20 -12.28
N SER A 32 -18.62 -6.76 -11.10
CA SER A 32 -19.98 -7.01 -10.67
C SER A 32 -20.43 -5.99 -9.62
N GLY A 33 -19.55 -5.07 -9.22
CA GLY A 33 -19.85 -4.23 -8.07
C GLY A 33 -20.53 -5.03 -6.95
N ASN A 34 -19.82 -6.05 -6.46
CA ASN A 34 -20.06 -6.59 -5.14
C ASN A 34 -18.90 -6.13 -4.26
N THR A 35 -19.24 -5.78 -3.01
CA THR A 35 -18.24 -5.31 -2.07
C THR A 35 -18.46 -5.92 -0.70
N PHE A 36 -17.37 -6.00 0.08
CA PHE A 36 -17.31 -6.59 1.42
C PHE A 36 -16.41 -5.69 2.27
N GLY A 37 -16.89 -5.36 3.47
CA GLY A 37 -16.28 -4.38 4.31
C GLY A 37 -16.37 -4.83 5.74
N TYR A 38 -15.26 -4.77 6.44
CA TYR A 38 -15.30 -5.13 7.84
C TYR A 38 -14.36 -4.13 8.52
N ARG A 39 -14.91 -3.38 9.49
CA ARG A 39 -14.17 -2.23 10.03
C ARG A 39 -13.69 -1.34 8.87
N SER A 40 -14.45 -1.25 7.79
CA SER A 40 -13.79 -0.60 6.66
C SER A 40 -13.66 0.93 6.82
N ASP A 41 -14.20 1.54 7.89
CA ASP A 41 -13.95 2.97 8.06
C ASP A 41 -13.13 3.28 9.31
N GLU A 42 -12.49 2.27 9.89
CA GLU A 42 -11.61 2.56 11.01
C GLU A 42 -10.27 3.00 10.43
N ARG A 43 -9.55 3.79 11.19
CA ARG A 43 -8.14 4.10 10.96
C ARG A 43 -7.25 2.95 11.43
N PHE A 44 -6.27 2.62 10.55
CA PHE A 44 -5.16 1.78 10.89
C PHE A 44 -3.87 2.49 10.47
N PRO A 45 -2.72 2.20 11.10
CA PRO A 45 -1.46 2.73 10.57
C PRO A 45 -1.23 2.28 9.12
N LEU A 46 -0.73 3.21 8.27
CA LEU A 46 -0.35 2.95 6.88
C LEU A 46 0.90 2.07 6.79
N CYS A 47 1.90 2.29 7.63
CA CYS A 47 3.21 1.66 7.45
C CYS A 47 3.71 1.82 6.02
N SER A 48 4.43 0.84 5.51
CA SER A 48 5.13 0.94 4.24
C SER A 48 4.15 1.04 3.10
N SER A 49 2.84 0.80 3.39
CA SER A 49 1.81 0.71 2.38
C SER A 49 1.61 2.04 1.65
N PHE A 50 1.87 3.16 2.32
CA PHE A 50 1.75 4.46 1.67
C PHE A 50 2.74 4.62 0.51
N LYS A 51 3.87 3.92 0.55
CA LYS A 51 4.85 4.02 -0.52
C LYS A 51 4.29 3.54 -1.85
N GLY A 52 3.19 2.76 -1.83
CA GLY A 52 2.59 2.47 -3.12
C GLY A 52 1.88 3.69 -3.70
N PHE A 53 1.50 4.63 -2.84
CA PHE A 53 0.77 5.81 -3.30
C PHE A 53 1.74 6.91 -3.69
N LEU A 54 2.86 6.97 -2.96
CA LEU A 54 3.99 7.83 -3.28
C LEU A 54 4.50 7.55 -4.70
N ALA A 55 4.53 6.25 -5.08
CA ALA A 55 4.99 5.82 -6.39
C ALA A 55 4.12 6.51 -7.43
N ALA A 56 2.80 6.42 -7.29
CA ALA A 56 1.79 7.09 -8.14
C ALA A 56 1.98 8.62 -8.14
N ALA A 57 2.25 9.20 -6.95
CA ALA A 57 2.44 10.65 -6.86
C ALA A 57 3.60 11.11 -7.76
N VAL A 58 4.66 10.34 -7.74
CA VAL A 58 5.82 10.58 -8.58
C VAL A 58 5.49 10.53 -10.07
N LEU A 59 4.57 9.63 -10.46
CA LEU A 59 4.30 9.39 -11.88
C LEU A 59 3.40 10.51 -12.39
N GLU A 60 2.62 11.05 -11.45
CA GLU A 60 1.77 12.17 -11.79
C GLU A 60 2.63 13.41 -11.98
N ARG A 61 3.66 13.64 -11.18
CA ARG A 61 4.51 14.79 -11.42
C ARG A 61 5.20 14.62 -12.78
N VAL A 62 5.60 13.39 -13.17
CA VAL A 62 6.27 13.13 -14.45
C VAL A 62 5.33 13.51 -15.60
N GLN A 63 4.04 13.20 -15.43
CA GLN A 63 3.04 13.34 -16.48
C GLN A 63 2.77 14.82 -16.79
N GLN A 64 2.47 15.62 -15.73
CA GLN A 64 2.53 17.07 -15.63
C GLN A 64 3.84 17.66 -16.16
N LYS A 65 4.89 16.82 -16.28
CA LYS A 65 6.19 17.19 -16.82
C LYS A 65 6.98 18.09 -15.87
N LYS A 66 6.82 17.93 -14.54
CA LYS A 66 7.67 18.65 -13.62
C LYS A 66 8.96 17.87 -13.44
N LEU A 67 8.93 16.59 -13.81
CA LEU A 67 10.02 15.66 -13.58
C LEU A 67 10.11 14.80 -14.81
N ASP A 68 11.30 14.26 -15.08
CA ASP A 68 11.50 13.25 -16.13
C ASP A 68 11.75 11.93 -15.42
N ILE A 69 11.10 10.88 -15.95
CA ILE A 69 11.24 9.58 -15.28
C ILE A 69 12.67 9.07 -15.35
N ASN A 70 13.50 9.66 -16.21
CA ASN A 70 14.85 9.16 -16.35
C ASN A 70 15.89 10.13 -15.82
N GLN A 71 15.44 11.28 -15.31
CA GLN A 71 16.40 12.20 -14.73
C GLN A 71 17.11 11.46 -13.61
N LYS A 72 18.42 11.73 -13.50
CA LYS A 72 19.25 11.15 -12.46
C LYS A 72 19.05 11.87 -11.11
N VAL A 73 19.00 11.07 -10.06
CA VAL A 73 18.80 11.53 -8.70
C VAL A 73 20.03 11.07 -7.91
N LYS A 74 20.83 12.03 -7.42
CA LYS A 74 22.12 11.82 -6.74
C LYS A 74 22.04 12.25 -5.27
N TYR A 75 22.84 11.56 -4.44
CA TYR A 75 22.76 11.56 -2.98
C TYR A 75 24.03 10.93 -2.37
N GLU A 76 25.22 11.20 -2.96
CA GLU A 76 26.49 10.67 -2.44
C GLU A 76 26.69 11.14 -0.98
N SER A 77 26.51 12.44 -0.71
CA SER A 77 26.37 13.07 0.61
C SER A 77 25.69 12.18 1.64
N ARG A 78 24.61 11.49 1.24
CA ARG A 78 23.51 11.12 2.12
C ARG A 78 23.84 9.90 3.00
N ASP A 79 23.53 10.03 4.30
CA ASP A 79 23.55 8.85 5.15
C ASP A 79 22.22 8.08 5.06
N LEU A 80 22.25 6.90 4.41
CA LEU A 80 21.01 6.16 4.15
C LEU A 80 20.33 5.68 5.44
N GLU A 81 19.00 5.68 5.40
CA GLU A 81 18.07 5.22 6.40
C GLU A 81 18.14 3.69 6.46
N TYR A 82 18.09 3.16 7.69
CA TYR A 82 17.79 1.77 7.87
C TYR A 82 16.80 1.31 6.81
N HIS A 83 17.05 0.11 6.24
CA HIS A 83 16.24 -0.56 5.21
C HIS A 83 16.14 0.32 3.97
N SER A 84 17.29 0.60 3.38
CA SER A 84 17.41 1.19 2.04
C SER A 84 18.20 0.21 1.14
N PRO A 85 17.63 -1.00 0.95
CA PRO A 85 18.38 -2.12 0.33
C PRO A 85 18.86 -1.75 -1.07
N ILE A 86 18.06 -0.91 -1.73
CA ILE A 86 18.36 -0.59 -3.12
C ILE A 86 19.19 0.70 -3.22
N THR A 87 18.74 1.75 -2.55
CA THR A 87 19.47 3.02 -2.61
C THR A 87 20.92 2.86 -2.15
N THR A 88 21.22 1.92 -1.24
CA THR A 88 22.58 1.91 -0.73
C THR A 88 23.58 1.45 -1.81
N LYS A 89 23.13 0.56 -2.69
CA LYS A 89 24.01 -0.01 -3.68
C LYS A 89 24.22 0.92 -4.85
N TYR A 90 23.44 2.02 -4.90
CA TYR A 90 23.55 2.96 -6.02
C TYR A 90 24.07 4.29 -5.52
N LYS A 91 24.60 4.23 -4.30
CA LYS A 91 25.03 5.43 -3.59
C LYS A 91 25.98 6.26 -4.43
N GLY A 92 26.94 5.62 -5.12
CA GLY A 92 27.96 6.33 -5.86
C GLY A 92 27.46 6.89 -7.21
N SER A 93 26.51 6.21 -7.85
CA SER A 93 26.19 6.56 -9.22
C SER A 93 24.93 7.43 -9.32
N GLY A 94 24.00 7.34 -8.35
CA GLY A 94 22.69 7.96 -8.47
C GLY A 94 21.68 6.97 -9.07
N MET A 95 20.37 7.17 -8.84
CA MET A 95 19.35 6.39 -9.50
C MET A 95 18.58 7.24 -10.48
N THR A 96 17.93 6.64 -11.47
CA THR A 96 16.94 7.45 -12.16
C THR A 96 15.73 7.62 -11.24
N LEU A 97 14.94 8.65 -11.51
CA LEU A 97 13.81 8.93 -10.68
C LEU A 97 12.85 7.72 -10.66
N GLY A 98 12.75 6.98 -11.78
CA GLY A 98 11.73 5.95 -11.98
C GLY A 98 12.18 4.67 -11.27
N ASP A 99 13.47 4.36 -11.36
CA ASP A 99 14.12 3.34 -10.51
C ASP A 99 13.93 3.62 -9.02
N MET A 100 14.17 4.87 -8.59
CA MET A 100 14.06 5.20 -7.19
C MET A 100 12.65 4.93 -6.69
N ALA A 101 11.66 5.52 -7.37
CA ALA A 101 10.27 5.33 -7.07
C ALA A 101 9.84 3.85 -7.01
N SER A 102 10.12 3.03 -8.07
CA SER A 102 9.81 1.60 -8.05
C SER A 102 10.40 0.90 -6.81
N ALA A 103 11.64 1.24 -6.49
CA ALA A 103 12.39 0.68 -5.37
C ALA A 103 11.67 1.08 -4.08
N ALA A 104 11.09 2.28 -4.06
CA ALA A 104 10.38 2.63 -2.84
C ALA A 104 9.22 1.65 -2.69
N LEU A 105 8.53 1.44 -3.82
CA LEU A 105 7.37 0.59 -3.84
C LEU A 105 7.75 -0.90 -3.64
N GLN A 106 8.55 -1.44 -4.58
CA GLN A 106 8.80 -2.86 -4.76
C GLN A 106 9.69 -3.49 -3.68
N TYR A 107 10.48 -2.64 -3.01
CA TYR A 107 11.48 -3.02 -2.01
C TYR A 107 11.19 -2.31 -0.71
N SER A 108 10.30 -1.30 -0.74
CA SER A 108 9.99 -0.66 0.52
C SER A 108 11.26 0.05 1.05
N ASP A 109 12.06 0.63 0.13
CA ASP A 109 13.35 1.27 0.36
C ASP A 109 13.11 2.60 1.06
N ASN A 110 13.59 2.76 2.31
CA ASN A 110 13.28 3.95 3.11
C ASN A 110 13.90 5.24 2.55
N GLY A 111 15.18 5.17 2.17
CA GLY A 111 15.97 6.27 1.65
C GLY A 111 15.30 6.86 0.42
N ALA A 112 14.82 5.98 -0.46
CA ALA A 112 14.09 6.30 -1.68
C ALA A 112 12.80 7.04 -1.31
N THR A 113 12.13 6.54 -0.28
CA THR A 113 10.92 7.15 0.24
C THR A 113 11.22 8.59 0.70
N ASN A 114 12.21 8.76 1.61
CA ASN A 114 12.43 10.06 2.18
C ASN A 114 13.02 10.98 1.13
N ILE A 115 13.86 10.43 0.24
CA ILE A 115 14.48 11.25 -0.77
C ILE A 115 13.38 11.88 -1.64
N ILE A 116 12.43 11.05 -2.06
CA ILE A 116 11.41 11.48 -3.00
C ILE A 116 10.51 12.50 -2.32
N MET A 117 10.19 12.29 -1.05
CA MET A 117 9.31 13.21 -0.34
C MET A 117 10.02 14.54 -0.06
N GLU A 118 11.32 14.48 0.23
CA GLU A 118 12.07 15.71 0.43
C GLU A 118 12.23 16.51 -0.89
N ARG A 119 12.44 15.87 -2.04
CA ARG A 119 12.84 16.69 -3.17
C ARG A 119 11.71 16.87 -4.17
N PHE A 120 10.74 15.96 -4.14
CA PHE A 120 9.83 15.85 -5.29
C PHE A 120 8.37 16.08 -4.90
N LEU A 121 8.01 15.83 -3.63
CA LEU A 121 6.58 15.80 -3.32
C LEU A 121 6.19 16.79 -2.23
N GLY A 122 7.11 17.60 -1.69
CA GLY A 122 6.75 18.51 -0.61
C GLY A 122 6.50 17.81 0.73
N GLY A 123 7.34 16.83 1.12
CA GLY A 123 7.19 16.31 2.47
C GLY A 123 5.93 15.45 2.67
N PRO A 124 5.67 14.99 3.91
CA PRO A 124 4.41 14.33 4.23
C PRO A 124 3.08 15.06 4.02
N GLU A 125 3.05 16.38 4.20
CA GLU A 125 1.81 17.10 3.87
C GLU A 125 1.58 17.19 2.36
N GLY A 126 2.65 17.29 1.55
CA GLY A 126 2.52 17.13 0.10
C GLY A 126 1.88 15.79 -0.32
N MET A 127 2.42 14.68 0.17
CA MET A 127 1.86 13.34 0.02
C MET A 127 0.36 13.30 0.42
N THR A 128 0.04 13.94 1.55
CA THR A 128 -1.31 14.01 2.09
C THR A 128 -2.18 14.74 1.09
N LYS A 129 -1.63 15.85 0.56
CA LYS A 129 -2.26 16.79 -0.34
C LYS A 129 -2.55 16.09 -1.66
N PHE A 130 -1.62 15.22 -2.09
CA PHE A 130 -1.80 14.44 -3.29
C PHE A 130 -3.03 13.54 -3.17
N MET A 131 -3.20 12.93 -2.01
CA MET A 131 -4.36 12.04 -1.84
C MET A 131 -5.65 12.88 -1.79
N ARG A 132 -5.61 14.02 -1.09
CA ARG A 132 -6.78 14.86 -1.04
C ARG A 132 -7.20 15.17 -2.47
N SER A 133 -6.21 15.35 -3.35
CA SER A 133 -6.51 15.87 -4.67
C SER A 133 -7.23 14.82 -5.50
N ILE A 134 -7.24 13.56 -5.05
CA ILE A 134 -8.01 12.54 -5.77
C ILE A 134 -9.28 12.16 -5.02
N GLY A 135 -9.64 12.93 -3.98
CA GLY A 135 -10.92 12.82 -3.33
C GLY A 135 -10.90 11.86 -2.14
N ASP A 136 -9.69 11.67 -1.56
CA ASP A 136 -9.48 10.82 -0.39
C ASP A 136 -9.26 11.68 0.86
N ASN A 137 -10.24 11.65 1.77
CA ASN A 137 -10.27 12.57 2.90
C ASN A 137 -9.83 11.90 4.20
N GLU A 138 -9.51 10.61 4.09
CA GLU A 138 -9.15 9.85 5.26
C GLU A 138 -7.63 9.73 5.35
N PHE A 139 -6.96 9.69 4.18
CA PHE A 139 -5.51 9.44 4.14
C PHE A 139 -4.75 10.55 4.87
N ARG A 140 -3.90 10.21 5.85
CA ARG A 140 -2.96 11.23 6.35
C ARG A 140 -1.55 10.68 6.58
N LEU A 141 -0.58 11.40 6.02
CA LEU A 141 0.82 11.22 6.32
C LEU A 141 1.31 12.47 7.02
N ASP A 142 1.96 12.24 8.18
CA ASP A 142 2.37 13.30 9.07
C ASP A 142 3.88 13.25 9.23
N ARG A 143 4.47 12.04 9.17
CA ARG A 143 5.87 11.94 9.54
C ARG A 143 6.67 11.28 8.43
N TRP A 144 8.01 11.27 8.58
CA TRP A 144 8.87 10.67 7.58
C TRP A 144 9.20 9.26 7.99
N GLU A 145 9.85 8.52 7.08
CA GLU A 145 10.52 7.29 7.50
C GLU A 145 11.58 7.67 8.54
N LEU A 146 11.75 6.91 9.63
CA LEU A 146 11.04 5.67 9.90
C LEU A 146 9.98 5.90 10.98
N GLU A 147 9.83 7.14 11.42
CA GLU A 147 9.06 7.44 12.61
C GLU A 147 7.56 7.27 12.37
N LEU A 148 7.15 7.24 11.12
CA LEU A 148 5.74 7.12 10.77
C LEU A 148 5.22 5.72 11.14
N ASN A 149 6.07 4.84 11.68
CA ASN A 149 5.78 3.43 11.91
C ASN A 149 5.49 3.12 13.39
N THR A 150 5.41 4.15 14.25
CA THR A 150 5.23 3.89 15.66
C THR A 150 3.94 3.11 15.95
N ALA A 151 2.91 3.16 15.09
CA ALA A 151 1.61 2.50 15.22
C ALA A 151 1.06 2.52 16.64
N ILE A 152 1.16 3.70 17.28
CA ILE A 152 0.59 3.89 18.61
C ILE A 152 -0.93 3.84 18.53
N PRO A 153 -1.59 3.13 19.48
CA PRO A 153 -3.05 3.03 19.52
C PRO A 153 -3.68 4.39 19.82
N GLY A 154 -4.62 4.81 18.94
CA GLY A 154 -5.40 5.99 19.22
C GLY A 154 -4.72 7.21 18.61
N ASP A 155 -3.62 6.93 17.88
CA ASP A 155 -2.85 7.96 17.19
C ASP A 155 -3.40 8.15 15.77
N LYS A 156 -3.70 9.42 15.38
CA LYS A 156 -4.25 9.77 14.07
C LYS A 156 -3.15 9.72 12.98
N ARG A 157 -1.92 9.97 13.39
CA ARG A 157 -0.86 10.25 12.43
C ARG A 157 -0.55 9.02 11.59
N ASP A 158 -0.39 9.21 10.28
CA ASP A 158 0.13 8.12 9.47
C ASP A 158 -0.86 6.96 9.53
N THR A 159 -2.14 7.31 9.42
CA THR A 159 -3.20 6.32 9.30
C THR A 159 -4.00 6.57 8.02
N SER A 160 -4.78 5.54 7.62
CA SER A 160 -5.90 5.68 6.70
C SER A 160 -7.00 4.68 7.08
N THR A 161 -8.03 4.52 6.25
CA THR A 161 -9.05 3.50 6.48
C THR A 161 -8.91 2.43 5.40
N PRO A 162 -9.26 1.13 5.67
CA PRO A 162 -9.36 0.12 4.60
C PRO A 162 -10.09 0.56 3.34
N LYS A 163 -11.28 1.13 3.51
CA LYS A 163 -12.07 1.63 2.38
C LYS A 163 -11.31 2.66 1.55
N ALA A 164 -10.79 3.68 2.21
CA ALA A 164 -10.18 4.80 1.52
C ALA A 164 -8.98 4.31 0.71
N VAL A 165 -8.30 3.29 1.26
CA VAL A 165 -7.11 2.79 0.58
C VAL A 165 -7.56 2.10 -0.71
N ALA A 166 -8.58 1.23 -0.58
CA ALA A 166 -9.20 0.48 -1.68
C ALA A 166 -9.65 1.44 -2.79
N ASN A 167 -10.43 2.47 -2.44
CA ASN A 167 -11.00 3.35 -3.46
C ASN A 167 -9.89 4.13 -4.13
N SER A 168 -8.86 4.49 -3.33
CA SER A 168 -7.78 5.29 -3.84
C SER A 168 -7.05 4.44 -4.86
N LEU A 169 -6.75 3.17 -4.51
CA LEU A 169 -5.97 2.29 -5.38
C LEU A 169 -6.73 2.04 -6.67
N ASN A 170 -8.04 1.86 -6.51
CA ASN A 170 -8.95 1.79 -7.62
C ASN A 170 -8.75 2.97 -8.58
N LYS A 171 -8.80 4.18 -8.02
CA LYS A 171 -8.62 5.40 -8.82
C LYS A 171 -7.26 5.42 -9.50
N LEU A 172 -6.19 5.09 -8.74
CA LEU A 172 -4.80 5.23 -9.19
C LEU A 172 -4.44 4.15 -10.21
N ALA A 173 -4.75 2.89 -9.84
CA ALA A 173 -4.29 1.74 -10.58
C ALA A 173 -5.14 1.53 -11.81
N LEU A 174 -6.46 1.76 -11.70
CA LEU A 174 -7.40 1.31 -12.70
C LEU A 174 -8.10 2.51 -13.36
N GLY A 175 -8.20 3.66 -12.66
CA GLY A 175 -8.98 4.78 -13.16
C GLY A 175 -8.20 5.82 -13.98
N ASN A 176 -8.65 7.08 -13.88
CA ASN A 176 -8.31 8.09 -14.85
C ASN A 176 -7.38 9.17 -14.30
N VAL A 177 -6.74 8.91 -13.18
CA VAL A 177 -5.78 9.87 -12.64
C VAL A 177 -4.50 9.87 -13.50
N LEU A 178 -3.96 8.68 -13.78
CA LEU A 178 -2.76 8.57 -14.59
C LEU A 178 -3.21 8.25 -16.00
N ASN A 179 -2.63 8.96 -16.97
CA ASN A 179 -2.78 8.72 -18.41
C ASN A 179 -2.22 7.33 -18.70
N ALA A 180 -2.25 6.92 -19.98
CA ALA A 180 -2.27 5.53 -20.43
C ALA A 180 -0.95 4.79 -20.20
N LYS A 181 0.15 5.43 -20.61
CA LYS A 181 1.51 4.93 -20.48
C LYS A 181 1.98 4.93 -19.01
N VAL A 182 1.67 6.02 -18.30
CA VAL A 182 2.09 6.22 -16.92
C VAL A 182 1.34 5.22 -16.05
N LYS A 183 0.04 5.00 -16.35
CA LYS A 183 -0.81 4.05 -15.65
C LYS A 183 -0.22 2.65 -15.78
N ALA A 184 0.21 2.26 -17.00
CA ALA A 184 0.82 0.97 -17.30
C ALA A 184 2.05 0.75 -16.40
N ILE A 185 2.84 1.81 -16.21
CA ILE A 185 4.07 1.70 -15.43
C ILE A 185 3.76 1.45 -13.96
N TYR A 186 2.87 2.26 -13.40
CA TYR A 186 2.50 2.07 -12.01
C TYR A 186 1.97 0.66 -11.83
N GLN A 187 1.22 0.17 -12.83
CA GLN A 187 0.68 -1.18 -12.74
C GLN A 187 1.83 -2.20 -12.67
N ASN A 188 2.77 -2.09 -13.61
CA ASN A 188 3.92 -2.99 -13.66
C ASN A 188 4.70 -2.91 -12.37
N TRP A 189 4.85 -1.72 -11.75
CA TRP A 189 5.58 -1.60 -10.49
C TRP A 189 4.90 -2.36 -9.35
N LEU A 190 3.59 -2.18 -9.20
CA LEU A 190 2.80 -2.92 -8.22
C LEU A 190 2.84 -4.42 -8.50
N LYS A 191 2.74 -4.82 -9.77
CA LYS A 191 2.88 -6.24 -10.11
C LYS A 191 4.26 -6.74 -9.75
N GLY A 192 5.30 -5.87 -9.76
CA GLY A 192 6.65 -6.37 -9.44
C GLY A 192 6.95 -6.39 -7.94
N ASN A 193 6.06 -5.85 -7.09
CA ASN A 193 6.36 -5.81 -5.65
C ASN A 193 6.97 -7.16 -5.23
N THR A 194 7.98 -7.13 -4.37
CA THR A 194 8.69 -8.34 -3.97
C THR A 194 8.31 -8.74 -2.55
N THR A 195 7.57 -7.89 -1.83
CA THR A 195 7.44 -8.12 -0.39
C THR A 195 6.13 -8.83 -0.01
N GLY A 196 5.32 -9.32 -0.97
CA GLY A 196 3.92 -9.60 -0.74
C GLY A 196 3.59 -11.08 -0.79
N ASP A 197 4.62 -11.92 -0.88
CA ASP A 197 4.38 -13.30 -1.31
C ASP A 197 3.62 -14.10 -0.24
N ALA A 198 3.52 -13.58 0.99
CA ALA A 198 2.91 -14.36 2.04
C ALA A 198 1.58 -13.70 2.40
N ARG A 199 1.25 -12.63 1.66
CA ARG A 199 0.02 -11.92 2.03
C ARG A 199 -1.13 -12.24 1.07
N ILE A 200 -1.58 -11.26 0.26
CA ILE A 200 -2.77 -11.34 -0.59
C ILE A 200 -2.45 -12.29 -1.74
N ARG A 201 -1.19 -12.26 -2.18
CA ARG A 201 -0.70 -13.20 -3.19
C ARG A 201 -0.87 -14.65 -2.73
N ALA A 202 -0.61 -14.99 -1.48
CA ALA A 202 -0.85 -16.38 -1.07
C ALA A 202 -2.32 -16.82 -1.12
N SER A 203 -3.28 -15.88 -1.10
CA SER A 203 -4.72 -16.11 -1.04
C SER A 203 -5.31 -16.37 -2.43
N VAL A 204 -4.51 -16.28 -3.49
CA VAL A 204 -5.16 -16.30 -4.80
C VAL A 204 -4.45 -17.34 -5.66
N PRO A 205 -5.09 -17.96 -6.67
CA PRO A 205 -4.36 -18.80 -7.62
C PRO A 205 -3.11 -18.19 -8.25
N ALA A 206 -2.19 -19.07 -8.65
CA ALA A 206 -0.86 -18.75 -9.16
C ALA A 206 -0.95 -17.90 -10.43
N ASP A 207 -2.01 -18.11 -11.23
CA ASP A 207 -2.09 -17.55 -12.57
C ASP A 207 -2.94 -16.28 -12.56
N TRP A 208 -3.61 -16.00 -11.44
CA TRP A 208 -4.10 -14.65 -11.23
C TRP A 208 -2.90 -13.70 -11.19
N VAL A 209 -3.06 -12.54 -11.88
CA VAL A 209 -2.09 -11.45 -11.81
C VAL A 209 -2.40 -10.55 -10.62
N VAL A 210 -1.35 -10.20 -9.84
CA VAL A 210 -1.46 -9.48 -8.57
C VAL A 210 -0.47 -8.33 -8.55
N GLY A 211 -0.97 -7.11 -8.33
CA GLY A 211 -0.07 -6.05 -7.93
C GLY A 211 -0.35 -5.68 -6.49
N ASP A 212 0.72 -5.43 -5.70
CA ASP A 212 0.51 -5.26 -4.28
C ASP A 212 1.54 -4.28 -3.69
N LYS A 213 1.17 -3.81 -2.47
CA LYS A 213 2.08 -3.14 -1.57
C LYS A 213 1.76 -3.51 -0.13
N THR A 214 2.76 -4.02 0.61
CA THR A 214 2.60 -4.41 2.01
C THR A 214 3.02 -3.31 2.98
N GLY A 215 2.72 -3.48 4.25
CA GLY A 215 3.24 -2.61 5.27
C GLY A 215 3.37 -3.40 6.57
N SER A 216 4.51 -3.22 7.22
CA SER A 216 4.78 -3.90 8.46
C SER A 216 5.37 -2.90 9.46
N CYS A 217 4.56 -2.23 10.28
CA CYS A 217 5.06 -1.18 11.18
C CYS A 217 6.14 -1.69 12.12
N GLY A 218 5.94 -2.91 12.64
CA GLY A 218 6.85 -3.56 13.55
C GLY A 218 6.65 -2.99 14.95
N ALA A 219 5.38 -2.81 15.34
CA ALA A 219 4.92 -2.45 16.68
C ALA A 219 3.42 -2.67 16.67
N TYR A 220 2.86 -3.25 17.75
CA TYR A 220 1.45 -3.68 17.81
C TYR A 220 1.08 -4.69 16.73
N GLY A 221 2.08 -5.40 16.19
CA GLY A 221 1.85 -6.40 15.16
C GLY A 221 1.05 -5.85 13.99
N THR A 222 1.38 -4.61 13.61
CA THR A 222 0.64 -3.84 12.63
C THR A 222 1.20 -4.16 11.25
N ALA A 223 0.34 -4.71 10.39
CA ALA A 223 0.71 -5.15 9.06
C ALA A 223 -0.53 -5.10 8.19
N ASN A 224 -0.30 -4.89 6.91
CA ASN A 224 -1.39 -4.61 5.99
C ASN A 224 -0.92 -5.07 4.60
N ASP A 225 -1.84 -5.11 3.62
CA ASP A 225 -1.48 -5.29 2.22
C ASP A 225 -2.66 -4.74 1.43
N TYR A 226 -2.41 -4.10 0.28
CA TYR A 226 -3.50 -3.85 -0.64
C TYR A 226 -3.07 -4.36 -2.02
N ALA A 227 -4.03 -4.79 -2.86
CA ALA A 227 -3.71 -5.41 -4.15
C ALA A 227 -4.79 -5.07 -5.17
N VAL A 228 -4.35 -4.90 -6.43
CA VAL A 228 -5.15 -5.14 -7.62
C VAL A 228 -4.89 -6.57 -8.06
N ILE A 229 -5.97 -7.29 -8.39
CA ILE A 229 -5.97 -8.69 -8.77
C ILE A 229 -6.71 -8.80 -10.11
N TRP A 230 -6.03 -9.35 -11.13
CA TRP A 230 -6.63 -9.68 -12.41
C TRP A 230 -6.75 -11.20 -12.50
N PRO A 231 -7.94 -11.82 -12.22
CA PRO A 231 -8.15 -13.23 -12.50
C PRO A 231 -8.26 -13.33 -14.00
N LYS A 232 -7.82 -14.46 -14.55
CA LYS A 232 -7.91 -14.65 -15.98
C LYS A 232 -9.38 -14.53 -16.40
N ASN A 233 -9.62 -13.75 -17.45
CA ASN A 233 -10.96 -13.47 -17.98
C ASN A 233 -11.86 -12.76 -16.95
N ARG A 234 -11.34 -11.84 -16.13
CA ARG A 234 -12.26 -11.18 -15.21
C ARG A 234 -11.79 -9.74 -14.99
N ALA A 235 -12.76 -8.87 -14.67
CA ALA A 235 -12.53 -7.49 -14.25
C ALA A 235 -11.70 -7.47 -12.96
N PRO A 236 -10.75 -6.53 -12.75
CA PRO A 236 -9.86 -6.62 -11.58
C PRO A 236 -10.72 -6.48 -10.33
N LEU A 237 -10.24 -7.09 -9.25
CA LEU A 237 -10.72 -6.88 -7.91
C LEU A 237 -9.69 -5.98 -7.21
N ILE A 238 -10.11 -5.22 -6.19
CA ILE A 238 -9.20 -4.48 -5.32
C ILE A 238 -9.38 -5.03 -3.90
N VAL A 239 -8.28 -5.45 -3.30
CA VAL A 239 -8.38 -5.90 -1.94
C VAL A 239 -7.43 -5.05 -1.10
N SER A 240 -7.90 -4.81 0.13
CA SER A 240 -7.27 -3.89 1.06
C SER A 240 -7.55 -4.44 2.45
N ILE A 241 -6.49 -4.74 3.17
CA ILE A 241 -6.52 -5.49 4.42
C ILE A 241 -5.55 -4.85 5.41
N TYR A 242 -6.05 -4.36 6.55
CA TYR A 242 -5.22 -3.69 7.54
C TYR A 242 -5.46 -4.37 8.85
N THR A 243 -4.35 -4.64 9.56
CA THR A 243 -4.44 -5.28 10.85
C THR A 243 -3.59 -4.52 11.86
N THR A 244 -4.07 -4.56 13.13
CA THR A 244 -3.34 -4.39 14.37
C THR A 244 -3.72 -5.47 15.39
N ARG A 245 -2.92 -5.48 16.45
CA ARG A 245 -2.94 -6.47 17.49
C ARG A 245 -2.91 -5.66 18.77
N LYS A 246 -3.17 -6.29 19.91
CA LYS A 246 -3.49 -5.55 21.11
C LYS A 246 -2.23 -5.13 21.86
N SER A 247 -1.29 -6.07 22.08
CA SER A 247 -0.04 -5.74 22.78
C SER A 247 1.06 -5.23 21.85
N LYS A 248 1.90 -4.32 22.36
CA LYS A 248 2.90 -3.64 21.56
C LYS A 248 3.92 -4.60 20.92
N ASP A 249 4.23 -5.73 21.57
CA ASP A 249 5.38 -6.55 21.24
C ASP A 249 4.95 -7.77 20.40
N ASP A 250 3.66 -7.82 20.01
CA ASP A 250 3.04 -8.91 19.27
C ASP A 250 3.56 -8.83 17.84
N LYS A 251 3.70 -9.97 17.18
CA LYS A 251 4.33 -9.96 15.87
C LYS A 251 3.22 -9.84 14.85
N HIS A 252 3.55 -9.35 13.67
CA HIS A 252 2.53 -9.25 12.64
C HIS A 252 2.22 -10.67 12.12
N SER A 253 1.05 -10.83 11.48
CA SER A 253 0.61 -12.16 11.08
C SER A 253 0.22 -12.19 9.62
N ASP A 254 1.19 -12.50 8.75
CA ASP A 254 1.12 -12.75 7.32
C ASP A 254 -0.08 -13.63 6.96
N LYS A 255 -0.23 -14.68 7.74
CA LYS A 255 -1.30 -15.64 7.62
C LYS A 255 -2.72 -15.10 7.93
N THR A 256 -2.89 -14.25 8.97
CA THR A 256 -4.19 -13.60 9.23
C THR A 256 -4.57 -12.78 7.99
N ILE A 257 -3.60 -12.05 7.43
CA ILE A 257 -3.84 -11.23 6.28
C ILE A 257 -4.31 -12.10 5.11
N ALA A 258 -3.56 -13.15 4.80
CA ALA A 258 -3.84 -13.97 3.64
C ALA A 258 -5.21 -14.64 3.84
N GLU A 259 -5.50 -15.06 5.06
CA GLU A 259 -6.80 -15.65 5.31
C GLU A 259 -7.92 -14.62 5.11
N ALA A 260 -7.79 -13.41 5.68
CA ALA A 260 -8.81 -12.36 5.54
C ALA A 260 -9.07 -12.02 4.06
N SER A 261 -8.00 -12.06 3.24
CA SER A 261 -8.07 -11.88 1.81
C SER A 261 -8.95 -12.97 1.21
N ARG A 262 -8.71 -14.22 1.64
CA ARG A 262 -9.39 -15.35 1.07
C ARG A 262 -10.87 -15.17 1.31
N ILE A 263 -11.20 -14.92 2.57
CA ILE A 263 -12.56 -14.69 3.04
C ILE A 263 -13.17 -13.50 2.30
N ALA A 264 -12.45 -12.37 2.18
CA ALA A 264 -13.00 -11.19 1.49
C ALA A 264 -13.32 -11.47 0.00
N ILE A 265 -12.39 -12.12 -0.71
CA ILE A 265 -12.56 -12.42 -2.13
C ILE A 265 -13.72 -13.39 -2.35
N GLN A 266 -13.87 -14.41 -1.49
CA GLN A 266 -14.99 -15.32 -1.61
C GLN A 266 -16.28 -14.56 -1.35
N ALA A 267 -16.24 -13.62 -0.40
CA ALA A 267 -17.37 -12.76 -0.10
C ALA A 267 -17.83 -12.03 -1.38
N ILE A 268 -16.89 -11.45 -2.14
CA ILE A 268 -17.21 -10.46 -3.19
C ILE A 268 -17.30 -11.16 -4.56
N ASP A 269 -16.81 -12.43 -4.65
CA ASP A 269 -16.79 -13.18 -5.90
C ASP A 269 -18.13 -13.85 -6.20
#